data_5U4E
#
_entry.id   5U4E
#
_cell.length_a   43.029
_cell.length_b   85.861
_cell.length_c   63.831
_cell.angle_alpha   90.000
_cell.angle_beta   90.000
_cell.angle_gamma   90.000
#
_symmetry.space_group_name_H-M   'P 21 21 2'
#
loop_
_entity.id
_entity.type
_entity.pdbx_description
1 polymer Transthyretin
2 non-polymer '3-[(E)-2-(4-borono-2-chlorophenyl)ethenyl]benzoic acid'
3 water water
#
_entity_poly.entity_id   1
_entity_poly.type   'polypeptide(L)'
_entity_poly.pdbx_seq_one_letter_code
;MGPTGTGESKCPLMVKVLDAVRGSPAINVAVHVFRKAADDTWEPFASGKTSESGELHGLTTEEEFVEGIYKVEIDTKSYW
KALGISPFHEHAEVVFTANDSGPRRYTIAALLSPYSYSTTAVVTNPKE
;
_entity_poly.pdbx_strand_id   A,B
#
loop_
_chem_comp.id
_chem_comp.type
_chem_comp.name
_chem_comp.formula
XLB non-polymer '3-[(E)-2-(4-borono-2-chlorophenyl)ethenyl]benzoic acid' 'C15 H12 B Cl O4'
#
# COMPACT_ATOMS: atom_id res chain seq x y z
N CYS A 11 -8.25 -17.02 15.32
CA CYS A 11 -7.45 -15.87 14.91
C CYS A 11 -8.14 -15.15 13.76
N PRO A 12 -8.81 -14.04 14.07
CA PRO A 12 -9.61 -13.31 13.08
C PRO A 12 -8.79 -12.43 12.14
N LEU A 13 -7.58 -12.07 12.55
CA LEU A 13 -6.71 -11.22 11.72
C LEU A 13 -5.28 -11.69 11.89
N MET A 14 -4.66 -12.09 10.78
CA MET A 14 -3.29 -12.59 10.75
C MET A 14 -2.57 -11.85 9.62
N VAL A 15 -1.30 -11.53 9.84
CA VAL A 15 -0.50 -10.87 8.81
C VAL A 15 0.72 -11.72 8.49
N LYS A 16 0.98 -11.94 7.22
CA LYS A 16 2.09 -12.77 6.75
C LYS A 16 2.94 -11.98 5.74
N VAL A 17 4.25 -11.99 5.92
CA VAL A 17 5.12 -11.17 5.08
C VAL A 17 6.28 -12.04 4.57
N LEU A 18 6.52 -11.94 3.26
CA LEU A 18 7.56 -12.69 2.58
C LEU A 18 8.55 -11.75 1.90
N ASP A 19 9.79 -12.21 1.77
CA ASP A 19 10.89 -11.44 1.17
C ASP A 19 11.22 -12.03 -0.20
N ALA A 20 11.02 -11.25 -1.25
CA ALA A 20 11.23 -11.72 -2.63
C ALA A 20 12.68 -11.63 -3.11
N VAL A 21 13.53 -10.98 -2.33
CA VAL A 21 14.96 -10.92 -2.63
C VAL A 21 15.67 -12.17 -2.10
N ARG A 22 15.33 -12.56 -0.87
CA ARG A 22 15.98 -13.68 -0.22
C ARG A 22 15.25 -15.02 -0.37
N GLY A 23 13.99 -14.99 -0.78
CA GLY A 23 13.21 -16.22 -0.84
C GLY A 23 12.95 -16.83 0.54
N SER A 24 12.44 -15.99 1.45
CA SER A 24 12.31 -16.39 2.84
C SER A 24 11.16 -15.62 3.45
N PRO A 25 10.70 -16.06 4.61
CA PRO A 25 9.82 -15.21 5.41
CA PRO A 25 9.80 -15.19 5.36
C PRO A 25 10.53 -13.89 5.70
N ALA A 26 9.77 -12.81 5.82
CA ALA A 26 10.30 -11.53 6.28
C ALA A 26 10.11 -11.48 7.80
N ILE A 27 11.21 -11.60 8.53
CA ILE A 27 11.17 -11.76 9.98
C ILE A 27 11.35 -10.40 10.66
N ASN A 28 10.67 -10.22 11.80
CA ASN A 28 10.84 -9.02 12.61
CA ASN A 28 10.83 -9.03 12.62
C ASN A 28 10.35 -7.75 11.93
N VAL A 29 9.32 -7.89 11.11
CA VAL A 29 8.68 -6.75 10.46
C VAL A 29 7.62 -6.18 11.40
N ALA A 30 7.74 -4.89 11.72
CA ALA A 30 6.74 -4.24 12.55
C ALA A 30 5.46 -3.99 11.77
N VAL A 31 4.35 -4.19 12.46
CA VAL A 31 3.01 -4.05 11.87
C VAL A 31 2.12 -3.27 12.85
N HIS A 32 1.50 -2.19 12.37
CA HIS A 32 0.55 -1.41 13.18
C HIS A 32 -0.83 -1.43 12.52
N VAL A 33 -1.86 -1.76 13.29
CA VAL A 33 -3.22 -1.80 12.76
C VAL A 33 -3.99 -0.64 13.35
N PHE A 34 -4.78 0.04 12.52
CA PHE A 34 -5.59 1.18 12.93
C PHE A 34 -7.04 0.91 12.52
N ARG A 35 -7.99 1.54 13.22
CA ARG A 35 -9.40 1.42 12.87
C ARG A 35 -9.98 2.82 12.79
N LYS A 36 -10.74 3.10 11.74
CA LYS A 36 -11.32 4.43 11.57
C LYS A 36 -12.39 4.67 12.66
N ALA A 37 -12.24 5.77 13.39
CA ALA A 37 -13.19 6.15 14.42
C ALA A 37 -14.37 6.95 13.84
N ALA A 38 -15.34 7.26 14.69
CA ALA A 38 -16.53 7.95 14.25
C ALA A 38 -16.22 9.34 13.72
N ASP A 39 -15.13 9.93 14.20
CA ASP A 39 -14.71 11.25 13.76
C ASP A 39 -13.78 11.20 12.54
N ASP A 40 -13.65 10.03 11.94
CA ASP A 40 -12.86 9.85 10.71
C ASP A 40 -11.34 9.82 10.91
N THR A 41 -10.90 9.80 12.16
CA THR A 41 -9.48 9.67 12.45
C THR A 41 -9.09 8.20 12.58
N TRP A 42 -7.80 7.91 12.37
CA TRP A 42 -7.29 6.54 12.50
C TRP A 42 -6.84 6.23 13.92
N GLU A 43 -7.62 5.42 14.63
CA GLU A 43 -7.29 5.10 16.01
C GLU A 43 -6.42 3.85 16.07
N PRO A 44 -5.35 3.89 16.88
CA PRO A 44 -4.52 2.69 17.07
C PRO A 44 -5.35 1.53 17.58
N PHE A 45 -5.22 0.39 16.90
CA PHE A 45 -6.02 -0.79 17.21
C PHE A 45 -5.23 -1.97 17.79
N ALA A 46 -4.10 -2.31 17.16
CA ALA A 46 -3.26 -3.39 17.64
C ALA A 46 -1.93 -3.26 16.92
N SER A 47 -0.88 -3.84 17.48
CA SER A 47 0.39 -3.87 16.76
C SER A 47 1.21 -5.08 17.17
N GLY A 48 2.26 -5.39 16.39
CA GLY A 48 3.13 -6.51 16.71
C GLY A 48 4.23 -6.62 15.67
N LYS A 49 4.96 -7.72 15.66
CA LYS A 49 5.96 -7.93 14.63
C LYS A 49 5.94 -9.38 14.18
N THR A 50 6.39 -9.61 12.94
CA THR A 50 6.40 -10.96 12.40
C THR A 50 7.47 -11.84 13.06
N SER A 51 7.10 -13.11 13.19
CA SER A 51 7.96 -14.13 13.78
C SER A 51 8.93 -14.69 12.76
N GLU A 52 9.64 -15.74 13.17
CA GLU A 52 10.60 -16.42 12.29
C GLU A 52 9.94 -17.00 11.05
N SER A 53 8.63 -17.25 11.12
CA SER A 53 7.87 -17.76 9.98
C SER A 53 7.28 -16.66 9.10
N GLY A 54 7.55 -15.42 9.46
CA GLY A 54 6.98 -14.27 8.76
C GLY A 54 5.53 -13.99 9.10
N GLU A 55 5.02 -14.66 10.12
CA GLU A 55 3.63 -14.51 10.51
C GLU A 55 3.48 -13.71 11.79
N LEU A 56 2.38 -12.97 11.87
CA LEU A 56 2.02 -12.24 13.06
C LEU A 56 0.63 -12.70 13.48
N HIS A 57 0.58 -13.39 14.62
CA HIS A 57 -0.67 -13.90 15.18
C HIS A 57 -1.02 -13.15 16.46
N GLY A 58 -2.27 -13.28 16.89
CA GLY A 58 -2.69 -12.75 18.18
C GLY A 58 -2.94 -11.26 18.23
N LEU A 59 -3.06 -10.61 17.08
CA LEU A 59 -3.33 -9.18 17.07
C LEU A 59 -4.63 -8.81 17.81
N THR A 60 -5.67 -9.59 17.61
CA THR A 60 -6.98 -9.24 18.16
C THR A 60 -7.81 -10.47 18.47
N THR A 61 -9.06 -10.24 18.84
CA THR A 61 -9.98 -11.31 19.23
C THR A 61 -11.28 -11.16 18.45
N GLU A 62 -12.08 -12.22 18.39
CA GLU A 62 -13.39 -12.12 17.74
C GLU A 62 -14.25 -11.01 18.36
N GLU A 63 -14.22 -10.86 19.67
CA GLU A 63 -15.00 -9.83 20.35
C GLU A 63 -14.56 -8.41 20.00
N GLU A 64 -13.26 -8.18 19.96
CA GLU A 64 -12.71 -6.85 19.77
CA GLU A 64 -12.80 -6.81 19.77
C GLU A 64 -12.76 -6.39 18.31
N PHE A 65 -12.65 -7.37 17.41
CA PHE A 65 -12.57 -7.11 15.97
C PHE A 65 -13.96 -6.93 15.36
N VAL A 66 -14.58 -5.81 15.71
CA VAL A 66 -15.92 -5.49 15.22
C VAL A 66 -15.88 -4.96 13.79
N GLU A 67 -17.06 -4.73 13.21
CA GLU A 67 -17.16 -4.03 11.93
C GLU A 67 -16.35 -2.78 11.95
N GLY A 68 -15.74 -2.43 10.83
CA GLY A 68 -15.08 -1.15 10.72
C GLY A 68 -14.20 -1.10 9.50
N ILE A 69 -13.59 0.04 9.28
CA ILE A 69 -12.57 0.18 8.25
C ILE A 69 -11.22 0.12 8.95
N TYR A 70 -10.39 -0.82 8.53
CA TYR A 70 -9.11 -1.08 9.17
C TYR A 70 -7.96 -0.75 8.24
N LYS A 71 -6.86 -0.29 8.83
CA LYS A 71 -5.63 -0.03 8.08
C LYS A 71 -4.51 -0.85 8.71
N VAL A 72 -3.89 -1.69 7.91
CA VAL A 72 -2.73 -2.48 8.33
C VAL A 72 -1.49 -1.88 7.70
N GLU A 73 -0.65 -1.26 8.52
CA GLU A 73 0.55 -0.61 8.05
C GLU A 73 1.74 -1.53 8.34
N ILE A 74 2.44 -1.93 7.29
CA ILE A 74 3.56 -2.86 7.41
C ILE A 74 4.83 -2.04 7.22
N ASP A 75 5.71 -2.06 8.20
CA ASP A 75 6.86 -1.16 8.19
C ASP A 75 8.03 -1.70 7.36
N THR A 76 7.85 -1.61 6.05
CA THR A 76 8.79 -2.19 5.11
C THR A 76 10.11 -1.44 5.07
N LYS A 77 10.09 -0.12 5.24
CA LYS A 77 11.33 0.65 5.13
C LYS A 77 12.35 0.23 6.19
N SER A 78 11.89 0.13 7.43
CA SER A 78 12.75 -0.32 8.53
C SER A 78 13.30 -1.71 8.25
N TYR A 79 12.45 -2.60 7.75
CA TYR A 79 12.89 -3.93 7.38
C TYR A 79 14.07 -3.93 6.39
N TRP A 80 13.94 -3.17 5.31
CA TRP A 80 14.96 -3.19 4.26
C TRP A 80 16.24 -2.53 4.71
N LYS A 81 16.14 -1.42 5.42
N LYS A 81 16.07 -1.61 5.66
CA LYS A 81 17.35 -0.68 5.75
CA LYS A 81 17.11 -0.77 6.27
C LYS A 81 18.32 -1.57 6.51
C LYS A 81 17.72 -1.33 7.57
N ALA A 82 17.77 -2.50 7.28
N ALA A 82 16.93 -2.07 8.34
CA ALA A 82 18.57 -3.37 8.14
CA ALA A 82 17.48 -2.83 9.47
C ALA A 82 19.29 -4.44 7.33
C ALA A 82 18.40 -3.89 8.89
N LEU A 83 18.85 -4.65 6.09
N LEU A 83 18.22 -4.16 7.61
CA LEU A 83 19.51 -5.57 5.19
CA LEU A 83 19.07 -5.09 6.87
C LEU A 83 20.51 -4.86 4.28
C LEU A 83 20.16 -4.34 6.12
N GLY A 84 20.61 -3.55 4.43
N GLY A 84 20.16 -3.02 6.24
CA GLY A 84 21.57 -2.77 3.67
CA GLY A 84 21.21 -2.21 5.66
C GLY A 84 20.98 -2.18 2.40
C GLY A 84 21.00 -1.78 4.22
N ILE A 85 19.65 -2.24 2.29
N ILE A 85 19.74 -1.73 3.78
CA ILE A 85 18.95 -1.80 1.10
CA ILE A 85 19.44 -1.24 2.43
C ILE A 85 18.15 -0.53 1.38
C ILE A 85 18.47 -0.08 2.44
N SER A 86 18.34 0.48 0.55
N SER A 86 18.38 0.59 1.29
CA SER A 86 17.60 1.72 0.68
CA SER A 86 17.53 1.77 1.12
C SER A 86 16.36 1.62 -0.19
C SER A 86 16.47 1.54 0.03
N PRO A 87 15.20 1.32 0.44
CA PRO A 87 14.03 0.99 -0.36
C PRO A 87 13.23 2.21 -0.77
N PHE A 88 12.26 2.00 -1.64
CA PHE A 88 11.46 3.09 -2.17
C PHE A 88 10.36 3.55 -1.22
N HIS A 89 9.59 2.60 -0.71
CA HIS A 89 8.39 2.93 0.04
C HIS A 89 8.65 3.18 1.51
N GLU A 90 7.79 4.00 2.11
CA GLU A 90 7.86 4.21 3.55
C GLU A 90 7.29 3.00 4.29
N HIS A 91 6.16 2.49 3.79
CA HIS A 91 5.53 1.30 4.34
C HIS A 91 4.59 0.75 3.29
N ALA A 92 3.96 -0.37 3.60
CA ALA A 92 2.88 -0.86 2.76
C ALA A 92 1.65 -0.70 3.61
N GLU A 93 0.61 -0.05 3.07
CA GLU A 93 -0.64 0.13 3.78
C GLU A 93 -1.72 -0.71 3.12
N VAL A 94 -2.54 -1.36 3.93
CA VAL A 94 -3.61 -2.19 3.42
C VAL A 94 -4.89 -1.75 4.13
N VAL A 95 -5.83 -1.18 3.37
CA VAL A 95 -7.02 -0.57 3.97
C VAL A 95 -8.25 -1.29 3.45
N PHE A 96 -9.10 -1.77 4.37
CA PHE A 96 -10.25 -2.59 3.99
C PHE A 96 -11.37 -2.49 5.01
N THR A 97 -12.60 -2.65 4.55
CA THR A 97 -13.73 -2.85 5.45
C THR A 97 -13.79 -4.30 5.90
N ALA A 98 -13.97 -4.51 7.21
CA ALA A 98 -14.02 -5.86 7.77
C ALA A 98 -15.34 -6.14 8.46
N ASN A 99 -15.78 -7.40 8.39
CA ASN A 99 -16.89 -7.92 9.17
C ASN A 99 -18.25 -7.29 8.88
N ASP A 100 -18.42 -6.70 7.72
CA ASP A 100 -19.68 -6.02 7.43
C ASP A 100 -20.82 -6.98 7.07
N SER A 101 -20.49 -8.24 6.81
CA SER A 101 -21.50 -9.28 6.62
C SER A 101 -21.35 -10.33 7.70
N GLY A 102 -20.91 -9.90 8.87
CA GLY A 102 -20.67 -10.84 9.94
C GLY A 102 -19.20 -11.16 10.04
N PRO A 103 -18.83 -11.88 11.11
CA PRO A 103 -17.40 -12.17 11.38
CA PRO A 103 -17.40 -12.16 11.36
C PRO A 103 -16.76 -12.99 10.27
N ARG A 104 -15.57 -12.58 9.85
CA ARG A 104 -14.75 -13.37 8.95
C ARG A 104 -13.33 -13.46 9.51
N ARG A 105 -12.56 -14.40 8.99
CA ARG A 105 -11.15 -14.49 9.31
C ARG A 105 -10.35 -13.94 8.13
N TYR A 106 -9.41 -13.04 8.43
CA TYR A 106 -8.63 -12.35 7.40
C TYR A 106 -7.16 -12.66 7.53
N THR A 107 -6.54 -13.12 6.45
CA THR A 107 -5.09 -13.13 6.35
C THR A 107 -4.68 -12.06 5.35
N ILE A 108 -3.84 -11.13 5.81
CA ILE A 108 -3.28 -10.11 4.95
C ILE A 108 -1.84 -10.52 4.65
N ALA A 109 -1.55 -10.80 3.39
CA ALA A 109 -0.21 -11.23 3.02
C ALA A 109 0.47 -10.17 2.17
N ALA A 110 1.78 -10.06 2.33
CA ALA A 110 2.54 -9.10 1.55
C ALA A 110 3.85 -9.73 1.11
N LEU A 111 4.21 -9.50 -0.15
CA LEU A 111 5.47 -9.98 -0.74
C LEU A 111 6.30 -8.76 -1.07
N LEU A 112 7.49 -8.67 -0.48
CA LEU A 112 8.29 -7.44 -0.51
C LEU A 112 9.54 -7.49 -1.40
N SER A 113 9.75 -6.42 -2.17
CA SER A 113 11.01 -6.15 -2.86
C SER A 113 11.38 -4.70 -2.55
N PRO A 114 12.62 -4.30 -2.82
CA PRO A 114 13.04 -2.95 -2.44
C PRO A 114 12.23 -1.84 -3.12
N TYR A 115 11.81 -2.02 -4.37
CA TYR A 115 11.05 -0.98 -5.05
C TYR A 115 9.63 -1.39 -5.43
N SER A 116 9.15 -2.48 -4.83
CA SER A 116 7.83 -3.02 -5.17
CA SER A 116 7.82 -2.99 -5.14
C SER A 116 7.28 -3.82 -4.00
N TYR A 117 5.97 -3.88 -3.87
CA TYR A 117 5.37 -4.88 -2.99
C TYR A 117 4.01 -5.28 -3.56
N SER A 118 3.57 -6.48 -3.21
CA SER A 118 2.28 -7.00 -3.61
CA SER A 118 2.26 -6.93 -3.59
C SER A 118 1.55 -7.44 -2.34
N THR A 119 0.27 -7.21 -2.28
CA THR A 119 -0.48 -7.66 -1.14
C THR A 119 -1.76 -8.32 -1.60
N THR A 120 -2.13 -9.38 -0.91
N THR A 120 -2.15 -9.36 -0.88
CA THR A 120 -3.38 -10.08 -1.18
CA THR A 120 -3.40 -10.04 -1.15
C THR A 120 -4.08 -10.41 0.14
C THR A 120 -4.14 -10.22 0.16
N ALA A 121 -5.36 -10.72 0.08
CA ALA A 121 -6.11 -11.10 1.28
C ALA A 121 -6.72 -12.45 1.04
N VAL A 122 -6.69 -13.30 2.07
CA VAL A 122 -7.45 -14.54 2.09
C VAL A 122 -8.52 -14.40 3.17
N VAL A 123 -9.76 -14.49 2.76
CA VAL A 123 -10.89 -14.22 3.65
C VAL A 123 -11.73 -15.49 3.74
N THR A 124 -11.91 -15.99 4.96
CA THR A 124 -12.65 -17.24 5.17
C THR A 124 -13.79 -17.01 6.16
N ASN A 125 -14.83 -17.84 6.05
CA ASN A 125 -16.00 -17.76 6.92
C ASN A 125 -15.99 -18.91 7.92
N PRO A 126 -15.87 -18.58 9.22
CA PRO A 126 -15.81 -19.57 10.30
C PRO A 126 -17.10 -20.37 10.41
N CYS B 11 7.65 15.99 -16.66
CA CYS B 11 6.73 15.12 -15.94
C CYS B 11 7.49 14.31 -14.89
N PRO B 12 7.71 14.92 -13.72
CA PRO B 12 8.45 14.26 -12.64
C PRO B 12 7.69 13.10 -11.98
N LEU B 13 6.36 13.08 -12.09
CA LEU B 13 5.54 12.08 -11.42
C LEU B 13 4.42 11.65 -12.34
N MET B 14 4.38 10.35 -12.65
CA MET B 14 3.35 9.75 -13.48
C MET B 14 2.79 8.55 -12.73
N VAL B 15 1.50 8.31 -12.87
CA VAL B 15 0.86 7.15 -12.26
C VAL B 15 0.25 6.29 -13.34
N LYS B 16 0.49 4.98 -13.29
CA LYS B 16 -0.02 4.06 -14.29
C LYS B 16 -0.74 2.90 -13.62
N VAL B 17 -1.94 2.58 -14.10
CA VAL B 17 -2.77 1.56 -13.45
C VAL B 17 -3.26 0.54 -14.47
N LEU B 18 -3.10 -0.75 -14.13
CA LEU B 18 -3.46 -1.86 -15.02
C LEU B 18 -4.44 -2.79 -14.33
N ASP B 19 -5.25 -3.50 -15.12
CA ASP B 19 -6.33 -4.36 -14.65
C ASP B 19 -5.93 -5.81 -14.98
N ALA B 20 -5.76 -6.61 -13.92
CA ALA B 20 -5.29 -7.99 -14.02
C ALA B 20 -6.42 -8.96 -14.30
N VAL B 21 -7.67 -8.50 -14.20
CA VAL B 21 -8.82 -9.33 -14.51
C VAL B 21 -9.15 -9.28 -16.00
N ARG B 22 -9.14 -8.08 -16.56
CA ARG B 22 -9.49 -7.88 -17.97
C ARG B 22 -8.27 -7.83 -18.90
N GLY B 23 -7.06 -7.69 -18.34
CA GLY B 23 -5.87 -7.60 -19.17
C GLY B 23 -5.84 -6.30 -19.95
N SER B 24 -6.01 -5.20 -19.25
CA SER B 24 -6.21 -3.91 -19.91
C SER B 24 -5.67 -2.80 -19.04
N PRO B 25 -5.49 -1.61 -19.61
CA PRO B 25 -5.32 -0.45 -18.74
C PRO B 25 -6.55 -0.27 -17.85
N ALA B 26 -6.35 0.27 -16.65
CA ALA B 26 -7.47 0.63 -15.78
C ALA B 26 -7.83 2.08 -16.06
N ILE B 27 -8.97 2.27 -16.73
CA ILE B 27 -9.36 3.56 -17.26
C ILE B 27 -10.30 4.30 -16.31
N ASN B 28 -10.13 5.62 -16.22
CA ASN B 28 -11.01 6.47 -15.41
CA ASN B 28 -11.01 6.46 -15.41
C ASN B 28 -10.95 6.17 -13.92
N VAL B 29 -9.77 5.79 -13.45
CA VAL B 29 -9.56 5.56 -12.03
C VAL B 29 -9.12 6.86 -11.37
N ALA B 30 -9.79 7.22 -10.28
CA ALA B 30 -9.40 8.43 -9.57
C ALA B 30 -8.13 8.22 -8.77
N VAL B 31 -7.26 9.20 -8.84
CA VAL B 31 -5.97 9.15 -8.15
C VAL B 31 -5.76 10.46 -7.43
N HIS B 32 -5.42 10.40 -6.14
CA HIS B 32 -5.13 11.60 -5.36
C HIS B 32 -3.74 11.52 -4.78
N VAL B 33 -2.98 12.61 -4.91
CA VAL B 33 -1.63 12.68 -4.36
C VAL B 33 -1.64 13.67 -3.23
N PHE B 34 -0.96 13.32 -2.15
CA PHE B 34 -0.87 14.14 -0.95
C PHE B 34 0.60 14.32 -0.60
N ARG B 35 0.93 15.43 0.04
CA ARG B 35 2.27 15.66 0.55
C ARG B 35 2.20 15.76 2.07
N LYS B 36 3.14 15.14 2.78
CA LYS B 36 3.10 15.17 4.24
C LYS B 36 3.54 16.53 4.75
N ALA B 37 2.74 17.15 5.60
CA ALA B 37 3.05 18.47 6.14
C ALA B 37 3.82 18.34 7.44
N ALA B 38 4.33 19.48 7.92
CA ALA B 38 5.19 19.49 9.10
C ALA B 38 4.51 18.93 10.35
N ASP B 39 3.19 19.02 10.39
CA ASP B 39 2.41 18.49 11.51
C ASP B 39 1.94 17.05 11.28
N ASP B 40 2.52 16.40 10.28
CA ASP B 40 2.23 14.99 9.98
C ASP B 40 0.90 14.73 9.31
N THR B 41 0.15 15.77 8.97
CA THR B 41 -1.10 15.58 8.26
C THR B 41 -0.85 15.49 6.76
N TRP B 42 -1.79 14.93 6.02
CA TRP B 42 -1.66 14.79 4.58
C TRP B 42 -2.36 15.92 3.86
N GLU B 43 -1.59 16.74 3.17
CA GLU B 43 -2.16 17.87 2.43
C GLU B 43 -2.35 17.52 0.97
N PRO B 44 -3.54 17.80 0.43
CA PRO B 44 -3.79 17.55 -0.99
C PRO B 44 -2.74 18.26 -1.84
N PHE B 45 -2.24 17.54 -2.84
CA PHE B 45 -1.14 18.01 -3.67
C PHE B 45 -1.50 18.06 -5.16
N ALA B 46 -2.12 16.98 -5.66
CA ALA B 46 -2.54 16.90 -7.06
C ALA B 46 -3.49 15.73 -7.20
N SER B 47 -4.32 15.73 -8.23
CA SER B 47 -5.21 14.58 -8.48
C SER B 47 -5.65 14.56 -9.94
N GLY B 48 -6.27 13.46 -10.35
CA GLY B 48 -6.79 13.31 -11.71
C GLY B 48 -7.40 11.93 -11.87
N LYS B 49 -7.75 11.59 -13.11
CA LYS B 49 -8.31 10.28 -13.44
C LYS B 49 -7.42 9.67 -14.51
N THR B 50 -7.19 8.36 -14.45
CA THR B 50 -6.37 7.74 -15.48
C THR B 50 -7.06 7.81 -16.86
N SER B 51 -6.23 7.91 -17.89
CA SER B 51 -6.66 8.01 -19.28
C SER B 51 -7.00 6.65 -19.86
N GLU B 52 -7.31 6.63 -21.15
CA GLU B 52 -7.59 5.38 -21.85
C GLU B 52 -6.40 4.44 -21.88
N SER B 53 -5.20 4.96 -21.64
CA SER B 53 -4.00 4.13 -21.57
C SER B 53 -3.65 3.74 -20.13
N GLY B 54 -4.54 4.09 -19.20
CA GLY B 54 -4.34 3.80 -17.79
C GLY B 54 -3.34 4.73 -17.13
N GLU B 55 -2.99 5.82 -17.80
CA GLU B 55 -1.95 6.73 -17.34
C GLU B 55 -2.49 8.07 -16.85
N LEU B 56 -1.81 8.64 -15.87
CA LEU B 56 -2.14 9.96 -15.40
C LEU B 56 -0.88 10.82 -15.42
N HIS B 57 -0.84 11.77 -16.36
CA HIS B 57 0.28 12.66 -16.57
C HIS B 57 -0.10 14.06 -16.08
N GLY B 58 0.90 14.91 -15.94
CA GLY B 58 0.66 16.32 -15.65
C GLY B 58 0.27 16.62 -14.22
N LEU B 59 0.56 15.70 -13.30
CA LEU B 59 0.22 15.92 -11.91
C LEU B 59 0.97 17.09 -11.27
N THR B 60 2.25 17.23 -11.58
CA THR B 60 3.04 18.26 -10.94
C THR B 60 4.14 18.76 -11.89
N THR B 61 4.98 19.65 -11.40
CA THR B 61 6.08 20.17 -12.19
C THR B 61 7.38 20.00 -11.41
N GLU B 62 8.51 20.13 -12.10
CA GLU B 62 9.80 20.05 -11.42
C GLU B 62 9.88 21.03 -10.25
N GLU B 63 9.42 22.26 -10.47
CA GLU B 63 9.53 23.28 -9.44
C GLU B 63 8.76 22.92 -8.16
N GLU B 64 7.56 22.34 -8.33
CA GLU B 64 6.67 22.06 -7.20
C GLU B 64 7.00 20.75 -6.47
N PHE B 65 7.61 19.81 -7.18
CA PHE B 65 7.81 18.47 -6.65
C PHE B 65 9.13 18.38 -5.89
N VAL B 66 9.17 19.01 -4.72
CA VAL B 66 10.37 19.04 -3.90
C VAL B 66 10.49 17.78 -3.04
N GLU B 67 11.66 17.57 -2.46
CA GLU B 67 11.87 16.42 -1.58
C GLU B 67 10.84 16.44 -0.48
N GLY B 68 10.41 15.25 -0.03
CA GLY B 68 9.39 15.17 1.00
C GLY B 68 8.71 13.82 0.92
N ILE B 69 7.77 13.55 1.81
CA ILE B 69 7.02 12.29 1.77
C ILE B 69 5.69 12.53 1.07
N TYR B 70 5.41 11.66 0.10
CA TYR B 70 4.18 11.75 -0.70
C TYR B 70 3.36 10.49 -0.56
N LYS B 71 2.05 10.63 -0.70
CA LYS B 71 1.13 9.49 -0.71
C LYS B 71 0.29 9.57 -1.97
N VAL B 72 0.26 8.47 -2.71
CA VAL B 72 -0.61 8.33 -3.87
C VAL B 72 -1.72 7.37 -3.52
N GLU B 73 -2.95 7.86 -3.54
CA GLU B 73 -4.11 7.04 -3.22
C GLU B 73 -4.84 6.74 -4.51
N ILE B 74 -5.03 5.46 -4.80
CA ILE B 74 -5.69 5.03 -6.03
C ILE B 74 -7.07 4.47 -5.64
N ASP B 75 -8.13 5.03 -6.19
CA ASP B 75 -9.51 4.64 -5.78
CA ASP B 75 -9.47 4.63 -5.75
C ASP B 75 -9.94 3.36 -6.48
N THR B 76 -9.39 2.24 -6.00
CA THR B 76 -9.65 0.93 -6.58
C THR B 76 -11.07 0.43 -6.30
N LYS B 77 -11.64 0.76 -5.14
CA LYS B 77 -12.98 0.26 -4.84
C LYS B 77 -14.02 0.72 -5.85
N SER B 78 -14.02 2.00 -6.20
CA SER B 78 -14.97 2.54 -7.16
C SER B 78 -14.76 1.93 -8.54
N TYR B 79 -13.51 1.66 -8.89
CA TYR B 79 -13.21 1.03 -10.17
C TYR B 79 -13.87 -0.34 -10.25
N TRP B 80 -13.68 -1.18 -9.24
CA TRP B 80 -14.26 -2.52 -9.26
C TRP B 80 -15.78 -2.49 -9.19
N LYS B 81 -16.33 -1.59 -8.38
CA LYS B 81 -17.77 -1.48 -8.26
C LYS B 81 -18.42 -1.10 -9.60
N ALA B 82 -17.75 -0.26 -10.38
CA ALA B 82 -18.29 0.16 -11.67
C ALA B 82 -18.32 -1.01 -12.64
N LEU B 83 -17.49 -2.03 -12.38
CA LEU B 83 -17.42 -3.21 -13.21
C LEU B 83 -18.30 -4.33 -12.65
N GLY B 84 -19.00 -4.05 -11.55
CA GLY B 84 -19.85 -5.03 -10.92
C GLY B 84 -19.13 -6.10 -10.14
N ILE B 85 -17.89 -5.81 -9.75
CA ILE B 85 -17.06 -6.80 -9.07
C ILE B 85 -16.80 -6.36 -7.63
N SER B 86 -17.04 -7.27 -6.67
CA SER B 86 -16.87 -6.93 -5.27
C SER B 86 -15.40 -6.96 -4.90
N PRO B 87 -14.87 -5.82 -4.43
CA PRO B 87 -13.44 -5.80 -4.10
C PRO B 87 -13.16 -5.82 -2.60
N PHE B 88 -11.90 -6.03 -2.27
CA PHE B 88 -11.47 -6.10 -0.87
C PHE B 88 -11.05 -4.75 -0.29
N HIS B 89 -10.20 -4.01 -1.01
CA HIS B 89 -9.58 -2.81 -0.46
C HIS B 89 -10.45 -1.59 -0.65
N GLU B 90 -10.33 -0.65 0.27
CA GLU B 90 -10.97 0.66 0.09
C GLU B 90 -10.26 1.43 -1.01
N HIS B 91 -8.93 1.34 -1.02
CA HIS B 91 -8.12 1.97 -2.03
C HIS B 91 -6.74 1.37 -1.94
N ALA B 92 -5.89 1.66 -2.92
CA ALA B 92 -4.48 1.31 -2.81
C ALA B 92 -3.71 2.56 -2.43
N GLU B 93 -2.76 2.43 -1.51
CA GLU B 93 -1.97 3.58 -1.04
C GLU B 93 -0.50 3.31 -1.30
N VAL B 94 0.20 4.31 -1.85
CA VAL B 94 1.61 4.17 -2.12
C VAL B 94 2.31 5.36 -1.48
N VAL B 95 3.15 5.10 -0.50
CA VAL B 95 3.76 6.17 0.30
C VAL B 95 5.26 6.07 0.17
N PHE B 96 5.90 7.17 -0.22
CA PHE B 96 7.33 7.15 -0.57
C PHE B 96 7.98 8.50 -0.33
N THR B 97 9.30 8.51 -0.22
CA THR B 97 10.04 9.77 -0.14
C THR B 97 10.61 10.15 -1.50
N ALA B 98 10.38 11.38 -1.93
CA ALA B 98 11.03 11.90 -3.13
C ALA B 98 12.43 12.36 -2.72
N ASN B 99 13.43 11.92 -3.46
CA ASN B 99 14.81 12.17 -3.11
C ASN B 99 15.60 12.71 -4.29
N ASP B 100 16.22 13.87 -4.09
CA ASP B 100 16.84 14.58 -5.20
C ASP B 100 18.11 13.99 -5.81
N SER B 101 18.78 13.16 -5.01
N SER B 101 18.88 13.21 -5.06
CA SER B 101 19.99 12.47 -5.42
CA SER B 101 20.23 12.81 -5.53
C SER B 101 19.68 11.43 -6.48
C SER B 101 20.37 12.50 -7.03
N GLY B 102 18.56 10.73 -6.30
N GLY B 102 20.12 13.50 -7.88
CA GLY B 102 18.16 9.69 -7.22
CA GLY B 102 20.13 13.35 -9.33
C GLY B 102 17.72 10.22 -8.57
C GLY B 102 18.85 13.82 -9.99
N PRO B 103 17.35 9.31 -9.48
N PRO B 103 18.95 14.37 -11.23
CA PRO B 103 16.85 9.67 -10.82
CA PRO B 103 17.72 14.68 -11.97
C PRO B 103 15.64 10.60 -10.74
C PRO B 103 16.94 13.39 -12.16
N ARG B 104 15.43 11.36 -11.82
N ARG B 104 15.61 13.43 -12.23
CA ARG B 104 14.51 12.50 -11.76
CA ARG B 104 14.84 12.23 -12.57
C ARG B 104 13.04 12.16 -11.97
C ARG B 104 13.31 12.30 -12.53
N ARG B 105 12.74 11.11 -12.73
CA ARG B 105 11.34 10.90 -13.07
C ARG B 105 10.79 9.67 -12.36
N TYR B 106 9.66 9.84 -11.70
CA TYR B 106 9.04 8.76 -10.95
C TYR B 106 7.77 8.27 -11.63
N THR B 107 7.70 6.96 -11.90
CA THR B 107 6.46 6.34 -12.32
C THR B 107 6.02 5.38 -11.24
N ILE B 108 4.84 5.63 -10.71
CA ILE B 108 4.25 4.74 -9.73
C ILE B 108 3.24 3.89 -10.49
N ALA B 109 3.51 2.60 -10.60
CA ALA B 109 2.61 1.70 -11.32
C ALA B 109 1.88 0.77 -10.37
N ALA B 110 0.65 0.42 -10.71
CA ALA B 110 -0.14 -0.52 -9.90
C ALA B 110 -0.91 -1.46 -10.79
N LEU B 111 -0.90 -2.73 -10.39
CA LEU B 111 -1.60 -3.82 -11.07
C LEU B 111 -2.70 -4.31 -10.14
N LEU B 112 -3.95 -4.20 -10.59
CA LEU B 112 -5.10 -4.39 -9.72
C LEU B 112 -5.86 -5.70 -9.96
N SER B 113 -6.15 -6.40 -8.86
CA SER B 113 -7.12 -7.50 -8.82
C SER B 113 -8.14 -7.22 -7.72
N PRO B 114 -9.27 -7.95 -7.71
CA PRO B 114 -10.28 -7.61 -6.70
C PRO B 114 -9.80 -7.77 -5.26
N TYR B 115 -8.99 -8.80 -4.96
CA TYR B 115 -8.50 -9.02 -3.60
C TYR B 115 -7.00 -8.85 -3.45
N SER B 116 -6.36 -8.25 -4.45
CA SER B 116 -4.93 -8.06 -4.39
CA SER B 116 -4.91 -8.06 -4.40
C SER B 116 -4.49 -6.87 -5.23
N TYR B 117 -3.39 -6.23 -4.85
CA TYR B 117 -2.74 -5.32 -5.77
C TYR B 117 -1.26 -5.35 -5.58
N SER B 118 -0.54 -5.01 -6.64
CA SER B 118 0.91 -4.93 -6.57
CA SER B 118 0.91 -4.95 -6.62
C SER B 118 1.32 -3.57 -7.11
N THR B 119 2.35 -2.99 -6.51
CA THR B 119 2.80 -1.69 -6.97
C THR B 119 4.32 -1.67 -7.05
N THR B 120 4.83 -0.99 -8.07
CA THR B 120 6.27 -0.82 -8.23
C THR B 120 6.58 0.62 -8.60
N ALA B 121 7.82 1.00 -8.41
CA ALA B 121 8.28 2.32 -8.79
C ALA B 121 9.34 2.12 -9.87
N VAL B 122 9.23 2.91 -10.94
CA VAL B 122 10.26 2.96 -11.96
C VAL B 122 10.81 4.37 -11.90
N VAL B 123 12.05 4.49 -11.45
CA VAL B 123 12.67 5.79 -11.24
C VAL B 123 13.84 5.92 -12.20
N THR B 124 13.77 6.88 -13.10
CA THR B 124 14.72 6.97 -14.20
C THR B 124 15.20 8.40 -14.44
N ASN B 125 16.18 8.55 -15.32
CA ASN B 125 16.64 9.86 -15.77
C ASN B 125 16.12 10.17 -17.16
C01 XLB C . 1.72 -11.68 -2.74
C01 XLB C . 1.73 -11.65 -2.80
C02 XLB C . 2.32 -12.78 -3.35
C02 XLB C . 2.29 -12.71 -3.49
C03 XLB C . 2.58 -13.93 -2.62
C03 XLB C . 2.58 -13.90 -2.84
C04 XLB C . 2.22 -13.98 -1.28
C04 XLB C . 2.30 -14.02 -1.49
C05 XLB C . 1.63 -12.88 -0.67
C05 XLB C . 1.74 -12.96 -0.79
C06 XLB C . 1.37 -11.73 -1.41
C06 XLB C . 1.45 -11.78 -1.45
C07 XLB C . 2.52 -15.21 -0.45
C07 XLB C . 2.62 -15.30 -0.74
C08 XLB C . 1.67 -16.08 0.14
C08 XLB C . 1.74 -16.17 -0.21
C09 XLB C . 2.05 -17.27 1.01
C09 XLB C . 2.12 -17.41 0.57
C10 XLB C . 3.20 -18.05 0.80
C10 XLB C . 1.37 -17.73 1.68
C11 XLB C . 3.48 -19.12 1.64
C11 XLB C . 1.67 -18.85 2.44
C12 XLB C . 2.63 -19.42 2.69
C12 XLB C . 2.73 -19.66 2.09
C13 XLB C . 1.50 -18.65 2.91
C13 XLB C . 3.50 -19.34 0.98
C14 XLB C . 1.22 -17.58 2.07
C14 XLB C . 3.20 -18.21 0.21
C15 XLB C . 2.68 -12.70 -4.82
C15 XLB C . 2.60 -12.56 -4.97
O01 XLB C . 4.16 -20.64 4.49
O01 XLB C . 2.07 -21.52 3.86
O02 XLB C . 2.14 -21.83 3.71
O02 XLB C . 4.35 -21.61 2.93
O03 XLB C . 2.30 -11.71 -5.50
O03 XLB C . 2.49 -11.44 -5.52
O04 XLB C . 3.36 -13.61 -5.35
O04 XLB C . 2.94 -13.56 -5.64
CL1 XLB C . 4.33 -17.78 -0.48
CL1 XLB C . 0.03 -16.73 2.12
B01 XLB C . 2.99 -20.69 3.68
B01 XLB C . 3.07 -20.98 3.00
C01 XLB D . 3.60 -6.97 -13.09
C01 XLB D . 3.62 -7.00 -13.03
C02 XLB D . 3.53 -5.83 -12.30
C02 XLB D . 3.56 -5.89 -12.22
C03 XLB D . 3.80 -4.58 -12.85
C03 XLB D . 3.86 -4.63 -12.73
C04 XLB D . 4.15 -4.49 -14.20
C04 XLB D . 4.21 -4.51 -14.07
C05 XLB D . 4.23 -5.65 -14.97
C05 XLB D . 4.26 -5.63 -14.89
C06 XLB D . 3.95 -6.88 -14.42
C06 XLB D . 3.96 -6.88 -14.36
C07 XLB D . 4.50 -3.19 -14.88
C07 XLB D . 4.53 -3.15 -14.64
C08 XLB D . 3.84 -2.52 -15.85
C08 XLB D . 4.02 -2.63 -15.76
C09 XLB D . 4.31 -1.23 -16.52
C09 XLB D . 4.34 -1.27 -16.35
C10 XLB D . 5.05 -0.23 -15.90
C10 XLB D . 4.07 -1.01 -17.68
C11 XLB D . 5.45 0.89 -16.59
C11 XLB D . 4.38 0.24 -18.22
C12 XLB D . 5.14 1.04 -17.93
C12 XLB D . 4.93 1.22 -17.41
C13 XLB D . 4.40 0.05 -18.57
C13 XLB D . 5.21 0.96 -16.07
C14 XLB D . 4.00 -1.08 -17.87
C14 XLB D . 4.90 -0.28 -15.55
C15 XLB D . 3.13 -5.98 -10.85
C15 XLB D . 3.19 -6.03 -10.75
O01 XLB D . 7.04 2.65 -18.85
O01 XLB D . 4.76 3.04 -19.35
O02 XLB D . 4.69 3.34 -19.21
O02 XLB D . 6.09 3.63 -17.36
O03 XLB D . 2.94 -4.98 -10.12
O03 XLB D . 3.02 -5.01 -10.04
O04 XLB D . 3.02 -7.14 -10.36
O04 XLB D . 3.06 -7.18 -10.25
CL1 XLB D . 5.51 -0.31 -14.23
CL1 XLB D . 3.36 -2.22 -18.72
B01 XLB D . 5.65 2.41 -18.70
B01 XLB D . 5.28 2.69 -18.07
#